data_3PK1
#
_entry.id   3PK1
#
_cell.length_a   97.923
_cell.length_b   81.469
_cell.length_c   57.927
_cell.angle_alpha   90.00
_cell.angle_beta   124.23
_cell.angle_gamma   90.00
#
_symmetry.space_group_name_H-M   'C 1 2 1'
#
loop_
_entity.id
_entity.type
_entity.pdbx_description
1 polymer 'Induced myeloid leukemia cell differentiation protein Mcl-1'
2 polymer 'Apoptosis regulator BAX'
3 non-polymer 'CADMIUM ION'
4 water water
#
loop_
_entity_poly.entity_id
_entity_poly.type
_entity_poly.pdbx_seq_one_letter_code
_entity_poly.pdbx_strand_id
1 'polypeptide(L)'
;GSGMKETAAAKFERQHMDSPDLGTDDDDKAMADIGSLYRQSLEIISRYLREQATGAKDTKPMGRSGATSRKALETLRRVG
DGVQRNHETAFQGMLRKLDIKNEDDVKSLSRVMIHVFSDGVTNWGRIVTLISFGAFVAKHLKTINQESCIEPLAESITDV
LVRTKRDWLVKQRGWDGFVEFFHVEDLEG
;
A,C
2 'polypeptide(L)' DPVPQDASTKKLSECLKRIGDELDSNMELQRMIA B,D
#
loop_
_chem_comp.id
_chem_comp.type
_chem_comp.name
_chem_comp.formula
CD non-polymer 'CADMIUM ION' 'Cd 2'
#
# COMPACT_ATOMS: atom_id res chain seq x y z
N SER A 36 10.58 33.02 -1.74
CA SER A 36 9.97 33.01 -3.08
C SER A 36 10.06 31.65 -3.76
N LEU A 37 11.28 31.12 -3.93
CA LEU A 37 11.42 29.78 -4.49
C LEU A 37 11.00 28.72 -3.46
N TYR A 38 11.21 29.03 -2.18
CA TYR A 38 10.78 28.12 -1.11
C TYR A 38 9.27 28.08 -1.15
N ARG A 39 8.67 29.25 -1.18
CA ARG A 39 7.22 29.36 -1.15
C ARG A 39 6.58 28.56 -2.29
N GLN A 40 7.20 28.59 -3.47
CA GLN A 40 6.60 27.96 -4.64
C GLN A 40 6.73 26.47 -4.60
N SER A 41 7.90 26.02 -4.15
CA SER A 41 8.18 24.60 -3.96
C SER A 41 7.23 23.99 -2.93
N LEU A 42 7.09 24.68 -1.80
CA LEU A 42 6.25 24.23 -0.69
C LEU A 42 4.79 24.10 -1.13
N GLU A 43 4.37 25.00 -2.01
CA GLU A 43 3.01 24.99 -2.51
C GLU A 43 2.77 23.72 -3.31
N ILE A 44 3.57 23.54 -4.36
CA ILE A 44 3.53 22.33 -5.19
C ILE A 44 3.58 21.10 -4.31
N ILE A 45 4.73 20.86 -3.68
CA ILE A 45 4.93 19.67 -2.84
C ILE A 45 3.77 19.40 -1.86
N SER A 46 3.38 20.43 -1.10
CA SER A 46 2.27 20.31 -0.16
C SER A 46 0.98 19.86 -0.84
N ARG A 47 0.66 20.53 -1.94
CA ARG A 47 -0.57 20.20 -2.65
C ARG A 47 -0.54 18.78 -3.18
N TYR A 48 0.55 18.39 -3.84
CA TYR A 48 0.67 17.00 -4.26
C TYR A 48 0.47 16.06 -3.09
N LEU A 49 1.32 16.19 -2.08
CA LEU A 49 1.20 15.35 -0.89
C LEU A 49 -0.20 15.36 -0.30
N ARG A 50 -0.88 16.50 -0.40
CA ARG A 50 -2.17 16.67 0.25
C ARG A 50 -3.23 15.89 -0.51
N GLU A 51 -3.17 15.93 -1.84
CA GLU A 51 -4.07 15.13 -2.65
C GLU A 51 -3.81 13.66 -2.43
N GLN A 52 -2.55 13.29 -2.53
CA GLN A 52 -2.18 11.90 -2.39
C GLN A 52 -2.74 11.28 -1.12
N ALA A 53 -2.78 12.06 -0.04
CA ALA A 53 -3.23 11.52 1.25
C ALA A 53 -4.75 11.53 1.39
N THR A 54 -5.38 12.57 0.84
CA THR A 54 -6.82 12.76 0.95
C THR A 54 -7.57 12.15 -0.23
N GLY A 55 -6.84 11.86 -1.30
CA GLY A 55 -7.44 11.34 -2.51
C GLY A 55 -8.19 12.36 -3.32
N ALA A 56 -8.17 13.63 -2.90
CA ALA A 56 -9.01 14.67 -3.53
C ALA A 56 -8.26 15.75 -4.30
N LYS A 57 -8.95 16.37 -5.25
CA LYS A 57 -8.40 17.34 -6.19
C LYS A 57 -7.26 16.75 -7.03
N ALA A 67 0.81 29.87 -12.07
CA ALA A 67 0.83 29.47 -13.47
C ALA A 67 1.71 28.24 -13.73
N THR A 68 3.01 28.47 -13.71
CA THR A 68 4.03 27.45 -13.91
C THR A 68 4.03 26.36 -12.81
N SER A 69 3.65 26.73 -11.59
CA SER A 69 3.61 25.76 -10.50
C SER A 69 2.46 24.80 -10.75
N ARG A 70 1.54 25.25 -11.59
CA ARG A 70 0.35 24.50 -11.96
C ARG A 70 0.71 23.35 -12.88
N LYS A 71 1.66 23.58 -13.79
CA LYS A 71 2.13 22.52 -14.67
C LYS A 71 3.09 21.59 -13.94
N ALA A 72 3.79 22.14 -12.96
CA ALA A 72 4.73 21.35 -12.17
C ALA A 72 3.99 20.29 -11.37
N LEU A 73 2.75 20.58 -11.01
CA LEU A 73 1.92 19.65 -10.25
C LEU A 73 1.32 18.57 -11.15
N GLU A 74 0.80 18.98 -12.30
CA GLU A 74 0.37 18.02 -13.31
C GLU A 74 1.49 17.02 -13.52
N THR A 75 2.72 17.54 -13.67
CA THR A 75 3.87 16.70 -13.99
C THR A 75 4.15 15.77 -12.83
N LEU A 76 3.98 16.31 -11.63
CA LEU A 76 4.20 15.58 -10.40
C LEU A 76 3.23 14.42 -10.25
N ARG A 77 1.96 14.66 -10.55
CA ARG A 77 0.95 13.62 -10.52
C ARG A 77 1.30 12.54 -11.51
N ARG A 78 1.54 12.95 -12.75
CA ARG A 78 1.85 12.02 -13.81
C ARG A 78 3.04 11.17 -13.42
N VAL A 79 4.16 11.80 -13.11
CA VAL A 79 5.41 11.07 -12.87
C VAL A 79 5.47 10.42 -11.49
N GLY A 80 5.11 11.18 -10.45
CA GLY A 80 5.15 10.71 -9.07
C GLY A 80 4.31 9.47 -8.83
N ASP A 81 3.08 9.48 -9.34
CA ASP A 81 2.16 8.34 -9.24
C ASP A 81 2.76 7.13 -9.93
N GLY A 82 3.42 7.39 -11.05
CA GLY A 82 4.17 6.36 -11.74
C GLY A 82 5.19 5.70 -10.81
N VAL A 83 6.08 6.47 -10.20
CA VAL A 83 7.10 5.85 -9.36
C VAL A 83 6.50 5.14 -8.14
N GLN A 84 5.41 5.67 -7.59
CA GLN A 84 4.75 5.03 -6.44
C GLN A 84 4.08 3.72 -6.84
N ARG A 85 3.45 3.70 -8.00
CA ARG A 85 2.91 2.48 -8.54
C ARG A 85 4.02 1.50 -8.85
N ASN A 86 5.09 1.99 -9.46
CA ASN A 86 6.20 1.15 -9.90
C ASN A 86 7.00 0.58 -8.78
N HIS A 87 7.05 1.30 -7.66
CA HIS A 87 7.94 0.91 -6.58
C HIS A 87 7.20 0.78 -5.27
N GLU A 88 5.89 0.57 -5.38
CA GLU A 88 5.01 0.45 -4.23
C GLU A 88 5.58 -0.47 -3.19
N THR A 89 6.16 -1.58 -3.65
CA THR A 89 6.66 -2.59 -2.71
C THR A 89 7.92 -2.14 -2.00
N ALA A 90 8.84 -1.52 -2.72
CA ALA A 90 10.05 -0.95 -2.13
C ALA A 90 9.71 0.20 -1.17
N PHE A 91 8.76 1.06 -1.57
CA PHE A 91 8.37 2.17 -0.72
C PHE A 91 7.79 1.64 0.58
N GLN A 92 6.99 0.59 0.46
CA GLN A 92 6.38 -0.03 1.62
C GLN A 92 7.43 -0.55 2.58
N GLY A 93 8.43 -1.28 2.06
CA GLY A 93 9.50 -1.81 2.89
C GLY A 93 10.27 -0.70 3.55
N MET A 94 10.61 0.32 2.76
CA MET A 94 11.32 1.48 3.28
C MET A 94 10.48 2.19 4.33
N LEU A 95 9.17 2.32 4.07
CA LEU A 95 8.28 3.00 4.98
C LEU A 95 8.21 2.32 6.35
N ARG A 96 8.21 0.99 6.33
CA ARG A 96 8.21 0.23 7.55
C ARG A 96 9.51 0.45 8.29
N LYS A 97 10.59 0.63 7.54
CA LYS A 97 11.90 0.84 8.17
C LYS A 97 12.02 2.25 8.74
N LEU A 98 11.19 3.17 8.28
CA LEU A 98 11.25 4.55 8.78
C LEU A 98 10.76 4.69 10.21
N ASP A 99 9.93 3.76 10.66
CA ASP A 99 9.50 3.78 12.06
C ASP A 99 8.92 5.16 12.33
N ILE A 100 8.43 5.77 11.27
CA ILE A 100 7.82 7.08 11.38
C ILE A 100 6.57 6.96 12.25
N LYS A 101 6.60 7.58 13.44
CA LYS A 101 5.56 7.36 14.46
C LYS A 101 4.36 8.32 14.39
N ASN A 102 4.57 9.50 13.81
CA ASN A 102 3.50 10.51 13.71
C ASN A 102 3.83 11.59 12.69
N GLU A 103 2.86 12.47 12.44
CA GLU A 103 3.01 13.53 11.45
C GLU A 103 4.25 14.41 11.65
N ASP A 104 4.87 14.30 12.81
CA ASP A 104 6.05 15.10 13.10
C ASP A 104 7.32 14.27 13.23
N ASP A 105 7.21 12.95 13.13
CA ASP A 105 8.40 12.09 13.18
C ASP A 105 9.12 12.11 11.83
N VAL A 106 9.39 13.31 11.34
CA VAL A 106 9.93 13.49 9.99
C VAL A 106 11.47 13.56 9.97
N LYS A 107 12.09 13.47 11.15
CA LYS A 107 13.55 13.63 11.25
C LYS A 107 14.30 12.45 10.67
N SER A 108 13.71 11.26 10.78
CA SER A 108 14.32 10.08 10.22
C SER A 108 14.32 10.25 8.71
N LEU A 109 13.18 10.68 8.17
CA LEU A 109 13.03 10.85 6.73
C LEU A 109 13.99 11.91 6.19
N SER A 110 14.18 12.98 6.95
CA SER A 110 15.01 14.10 6.52
C SER A 110 16.45 13.67 6.43
N ARG A 111 16.85 12.86 7.38
CA ARG A 111 18.17 12.23 7.35
C ARG A 111 18.27 11.45 6.06
N VAL A 112 17.27 10.61 5.79
CA VAL A 112 17.28 9.82 4.57
C VAL A 112 17.39 10.70 3.34
N MET A 113 16.44 11.61 3.17
CA MET A 113 16.43 12.46 2.00
C MET A 113 17.72 13.21 1.80
N ILE A 114 18.47 13.40 2.88
CA ILE A 114 19.76 14.06 2.73
C ILE A 114 20.84 13.12 2.18
N HIS A 115 20.89 11.88 2.67
CA HIS A 115 21.93 10.95 2.25
C HIS A 115 21.79 10.55 0.77
N VAL A 116 20.61 10.79 0.21
CA VAL A 116 20.38 10.55 -1.22
C VAL A 116 21.39 11.36 -2.04
N PHE A 117 21.53 12.63 -1.67
CA PHE A 117 22.29 13.59 -2.45
C PHE A 117 23.74 13.59 -2.00
N SER A 118 24.04 12.63 -1.14
CA SER A 118 25.33 12.55 -0.46
C SER A 118 26.44 12.02 -1.35
N ASP A 119 26.24 12.02 -2.66
CA ASP A 119 27.30 11.61 -3.57
C ASP A 119 27.68 12.75 -4.52
N GLY A 120 26.93 13.86 -4.43
CA GLY A 120 27.26 15.05 -5.20
C GLY A 120 26.37 15.22 -6.39
N VAL A 121 25.56 14.19 -6.64
CA VAL A 121 24.65 14.21 -7.76
C VAL A 121 23.28 14.70 -7.37
N THR A 122 22.78 15.66 -8.13
CA THR A 122 21.39 16.04 -8.08
C THR A 122 20.78 15.81 -9.47
N ASN A 123 19.60 15.19 -9.51
CA ASN A 123 18.85 15.16 -10.75
C ASN A 123 17.38 15.16 -10.42
N TRP A 124 16.53 15.38 -11.42
CA TRP A 124 15.13 15.51 -11.14
C TRP A 124 14.57 14.16 -10.79
N GLY A 125 15.19 13.09 -11.32
CA GLY A 125 14.77 11.75 -10.96
C GLY A 125 14.79 11.53 -9.45
N ARG A 126 15.87 11.96 -8.81
CA ARG A 126 16.00 11.79 -7.39
C ARG A 126 15.03 12.67 -6.70
N ILE A 127 14.98 13.92 -7.13
CA ILE A 127 14.12 14.89 -6.51
C ILE A 127 12.69 14.39 -6.56
N VAL A 128 12.26 13.96 -7.74
CA VAL A 128 10.89 13.49 -7.89
C VAL A 128 10.61 12.18 -7.15
N THR A 129 11.65 11.37 -6.98
CA THR A 129 11.54 10.13 -6.24
C THR A 129 11.35 10.40 -4.76
N LEU A 130 12.04 11.44 -4.27
CA LEU A 130 11.87 11.90 -2.90
C LEU A 130 10.46 12.39 -2.61
N ILE A 131 9.89 13.15 -3.53
CA ILE A 131 8.55 13.68 -3.32
C ILE A 131 7.50 12.59 -3.39
N SER A 132 7.73 11.61 -4.27
CA SER A 132 6.80 10.48 -4.38
C SER A 132 6.79 9.63 -3.12
N PHE A 133 7.97 9.42 -2.53
CA PHE A 133 8.05 8.72 -1.27
C PHE A 133 7.35 9.54 -0.19
N GLY A 134 7.52 10.86 -0.25
CA GLY A 134 6.80 11.75 0.63
C GLY A 134 5.29 11.55 0.50
N ALA A 135 4.80 11.46 -0.74
CA ALA A 135 3.38 11.19 -0.96
C ALA A 135 3.01 9.81 -0.41
N PHE A 136 3.88 8.84 -0.63
CA PHE A 136 3.63 7.48 -0.22
C PHE A 136 3.56 7.43 1.32
N VAL A 137 4.42 8.23 1.95
CA VAL A 137 4.43 8.34 3.40
C VAL A 137 3.19 9.10 3.91
N ALA A 138 2.83 10.18 3.22
CA ALA A 138 1.64 10.97 3.53
C ALA A 138 0.37 10.12 3.53
N LYS A 139 0.27 9.19 2.60
CA LYS A 139 -0.89 8.31 2.54
C LYS A 139 -0.92 7.33 3.72
N HIS A 140 0.24 6.78 4.08
CA HIS A 140 0.28 5.90 5.23
C HIS A 140 -0.24 6.56 6.52
N LEU A 141 0.25 7.76 6.79
CA LEU A 141 -0.10 8.48 8.02
C LEU A 141 -1.61 8.62 8.24
N LYS A 142 -2.37 8.86 7.18
CA LYS A 142 -3.83 8.91 7.28
C LYS A 142 -4.44 7.54 7.63
N THR A 143 -3.85 6.47 7.09
CA THR A 143 -4.22 5.13 7.49
C THR A 143 -4.13 5.05 9.01
N ILE A 144 -3.17 5.77 9.55
CA ILE A 144 -2.82 5.69 10.96
C ILE A 144 -3.62 6.68 11.79
N ASN A 145 -4.01 7.79 11.16
CA ASN A 145 -4.75 8.82 11.84
C ASN A 145 -5.34 9.79 10.83
N GLN A 146 -6.62 9.62 10.51
CA GLN A 146 -7.24 10.48 9.52
C GLN A 146 -7.09 11.97 9.86
N GLU A 147 -6.78 12.29 11.10
CA GLU A 147 -6.59 13.69 11.51
C GLU A 147 -5.25 14.30 11.08
N SER A 148 -4.17 13.60 11.36
CA SER A 148 -2.81 14.09 11.08
C SER A 148 -2.64 14.88 9.76
N CYS A 149 -1.70 15.83 9.74
CA CYS A 149 -1.51 16.68 8.58
C CYS A 149 -0.19 16.46 7.85
N ILE A 150 -0.14 16.95 6.61
CA ILE A 150 1.01 16.78 5.74
C ILE A 150 1.99 17.94 5.82
N GLU A 151 1.62 18.99 6.54
CA GLU A 151 2.45 20.19 6.56
C GLU A 151 3.88 19.91 7.01
N PRO A 152 4.06 19.35 8.22
CA PRO A 152 5.42 18.99 8.64
C PRO A 152 6.21 18.24 7.55
N LEU A 153 5.55 17.27 6.93
CA LEU A 153 6.16 16.45 5.89
C LEU A 153 6.51 17.25 4.63
N ALA A 154 5.55 18.01 4.11
CA ALA A 154 5.85 18.87 2.98
C ALA A 154 7.03 19.79 3.31
N GLU A 155 7.01 20.41 4.50
CA GLU A 155 8.07 21.32 4.91
C GLU A 155 9.41 20.59 5.03
N SER A 156 9.37 19.36 5.54
CA SER A 156 10.57 18.55 5.66
C SER A 156 11.24 18.43 4.31
N ILE A 157 10.47 18.01 3.32
CA ILE A 157 10.95 17.72 1.96
C ILE A 157 11.47 18.98 1.28
N THR A 158 10.69 20.05 1.38
CA THR A 158 11.04 21.33 0.79
C THR A 158 12.32 21.86 1.41
N ASP A 159 12.45 21.71 2.72
CA ASP A 159 13.63 22.17 3.43
C ASP A 159 14.88 21.59 2.81
N VAL A 160 14.86 20.29 2.56
CA VAL A 160 16.04 19.61 2.05
C VAL A 160 16.31 20.04 0.62
N LEU A 161 15.26 20.08 -0.19
CA LEU A 161 15.45 20.40 -1.60
C LEU A 161 15.90 21.84 -1.70
N VAL A 162 15.06 22.74 -1.24
CA VAL A 162 15.31 24.16 -1.42
C VAL A 162 16.53 24.69 -0.69
N ARG A 163 16.78 24.19 0.50
CA ARG A 163 17.84 24.76 1.32
C ARG A 163 19.22 24.11 1.13
N THR A 164 19.25 22.90 0.58
CA THR A 164 20.51 22.25 0.31
C THR A 164 20.78 22.11 -1.17
N LYS A 165 19.76 22.41 -1.99
CA LYS A 165 19.89 22.25 -3.44
C LYS A 165 19.52 23.52 -4.18
N ARG A 166 19.34 24.60 -3.41
CA ARG A 166 19.02 25.92 -3.94
C ARG A 166 19.76 26.24 -5.22
N ASP A 167 21.09 26.23 -5.18
CA ASP A 167 21.87 26.61 -6.35
C ASP A 167 21.51 25.68 -7.54
N TRP A 168 21.50 24.38 -7.31
CA TRP A 168 21.20 23.46 -8.40
C TRP A 168 19.83 23.77 -8.94
N LEU A 169 18.86 23.90 -8.05
CA LEU A 169 17.50 24.20 -8.47
C LEU A 169 17.47 25.44 -9.34
N VAL A 170 18.19 26.48 -8.90
CA VAL A 170 18.29 27.74 -9.64
C VAL A 170 18.94 27.59 -11.03
N LYS A 171 20.11 26.95 -11.05
CA LYS A 171 20.77 26.64 -12.30
C LYS A 171 19.77 26.09 -13.32
N GLN A 172 18.83 25.27 -12.84
CA GLN A 172 17.84 24.62 -13.74
C GLN A 172 16.63 25.49 -14.09
N ARG A 173 16.68 26.78 -13.81
CA ARG A 173 15.53 27.63 -14.05
C ARG A 173 14.32 27.16 -13.26
N GLY A 174 14.55 26.49 -12.14
CA GLY A 174 13.51 26.23 -11.17
C GLY A 174 12.50 25.16 -11.55
N TRP A 175 11.24 25.39 -11.24
CA TRP A 175 10.19 24.43 -11.58
C TRP A 175 9.86 24.48 -13.06
N ASP A 176 10.34 25.50 -13.74
CA ASP A 176 10.19 25.58 -15.20
C ASP A 176 11.02 24.48 -15.86
N GLY A 177 12.23 24.28 -15.34
CA GLY A 177 13.14 23.25 -15.82
C GLY A 177 12.60 21.87 -15.53
N PHE A 178 12.09 21.66 -14.33
CA PHE A 178 11.46 20.40 -13.98
C PHE A 178 10.29 20.08 -14.93
N VAL A 179 9.46 21.07 -15.21
CA VAL A 179 8.37 20.87 -16.15
C VAL A 179 8.88 20.51 -17.54
N GLU A 180 9.86 21.28 -18.05
CA GLU A 180 10.48 20.97 -19.34
C GLU A 180 11.13 19.59 -19.38
N PHE A 181 11.76 19.19 -18.28
CA PHE A 181 12.49 17.93 -18.22
C PHE A 181 11.57 16.73 -18.39
N PHE A 182 10.31 16.89 -18.01
CA PHE A 182 9.36 15.78 -18.09
C PHE A 182 8.28 15.95 -19.17
N HIS A 183 8.35 17.04 -19.93
CA HIS A 183 7.40 17.29 -21.03
C HIS A 183 7.19 16.03 -21.86
N VAL A 184 5.96 15.86 -22.34
CA VAL A 184 5.62 14.72 -23.20
C VAL A 184 5.43 15.17 -24.65
N ALA B 7 23.72 4.15 10.23
CA ALA B 7 23.10 2.85 10.44
C ALA B 7 22.50 2.33 9.14
N SER B 8 21.18 2.14 9.14
CA SER B 8 20.46 1.65 7.96
C SER B 8 19.99 2.79 7.03
N THR B 9 20.24 4.02 7.44
CA THR B 9 19.91 5.20 6.63
C THR B 9 20.56 5.08 5.26
N LYS B 10 21.75 4.48 5.23
CA LYS B 10 22.50 4.29 4.00
C LYS B 10 21.81 3.28 3.09
N LYS B 11 21.01 2.41 3.68
CA LYS B 11 20.28 1.38 2.91
C LYS B 11 19.07 1.99 2.21
N LEU B 12 18.40 2.91 2.89
CA LEU B 12 17.19 3.52 2.34
C LEU B 12 17.49 4.61 1.31
N SER B 13 18.52 5.42 1.57
CA SER B 13 18.92 6.48 0.64
C SER B 13 19.49 5.89 -0.65
N GLU B 14 20.23 4.78 -0.50
CA GLU B 14 20.72 4.04 -1.66
C GLU B 14 19.60 3.50 -2.55
N CYS B 15 18.47 3.15 -1.94
CA CYS B 15 17.30 2.64 -2.66
C CYS B 15 16.61 3.75 -3.46
N LEU B 16 16.35 4.87 -2.79
CA LEU B 16 15.73 6.02 -3.42
C LEU B 16 16.65 6.63 -4.48
N LYS B 17 17.96 6.56 -4.21
CA LYS B 17 18.99 7.06 -5.12
C LYS B 17 18.86 6.35 -6.45
N ARG B 18 18.74 5.03 -6.38
CA ARG B 18 18.64 4.17 -7.56
C ARG B 18 17.40 4.46 -8.38
N ILE B 19 16.24 4.49 -7.72
CA ILE B 19 14.98 4.78 -8.41
C ILE B 19 15.03 6.14 -9.10
N GLY B 20 15.63 7.12 -8.43
CA GLY B 20 15.72 8.45 -8.97
C GLY B 20 16.58 8.45 -10.20
N ASP B 21 17.73 7.78 -10.11
CA ASP B 21 18.64 7.66 -11.23
C ASP B 21 18.03 6.86 -12.38
N GLU B 22 17.42 5.72 -12.04
CA GLU B 22 16.63 4.92 -12.97
C GLU B 22 15.64 5.82 -13.76
N LEU B 23 14.82 6.56 -13.02
CA LEU B 23 13.88 7.47 -13.63
C LEU B 23 14.60 8.56 -14.43
N ASP B 24 15.72 9.04 -13.90
CA ASP B 24 16.44 10.09 -14.60
C ASP B 24 16.99 9.58 -15.91
N SER B 25 17.56 8.38 -15.87
CA SER B 25 18.14 7.73 -17.05
C SER B 25 17.10 7.54 -18.16
N ASN B 26 15.89 7.19 -17.75
CA ASN B 26 14.76 7.03 -18.66
C ASN B 26 14.34 8.33 -19.35
N MET B 27 14.21 9.40 -18.59
CA MET B 27 13.89 10.68 -19.19
C MET B 27 15.01 11.22 -20.07
N GLU B 28 16.24 11.22 -19.55
CA GLU B 28 17.44 11.62 -20.33
C GLU B 28 17.43 10.96 -21.70
N LEU B 29 16.96 9.72 -21.78
CA LEU B 29 16.89 9.00 -23.05
C LEU B 29 15.74 9.51 -23.90
N GLN B 30 14.57 9.61 -23.29
CA GLN B 30 13.37 10.00 -24.03
C GLN B 30 13.54 11.42 -24.54
N ARG B 31 14.47 12.15 -23.94
CA ARG B 31 14.75 13.51 -24.39
C ARG B 31 15.73 13.55 -25.56
N MET B 32 16.82 12.78 -25.49
CA MET B 32 17.79 12.68 -26.59
C MET B 32 17.17 12.27 -27.92
N ILE B 33 15.87 11.97 -27.94
CA ILE B 33 15.22 11.52 -29.17
C ILE B 33 13.78 12.04 -29.31
N SER C 36 -27.06 -22.17 -0.73
CA SER C 36 -27.57 -21.43 0.43
C SER C 36 -26.44 -20.87 1.31
N LEU C 37 -25.57 -21.74 1.82
CA LEU C 37 -24.39 -21.29 2.57
C LEU C 37 -23.36 -20.64 1.64
N TYR C 38 -23.29 -21.13 0.40
CA TYR C 38 -22.40 -20.55 -0.59
C TYR C 38 -22.90 -19.15 -0.86
N ARG C 39 -24.19 -19.06 -1.14
CA ARG C 39 -24.80 -17.78 -1.47
C ARG C 39 -24.52 -16.73 -0.40
N GLN C 40 -24.60 -17.12 0.88
CA GLN C 40 -24.46 -16.16 1.98
C GLN C 40 -23.03 -15.71 2.18
N SER C 41 -22.12 -16.68 2.04
CA SER C 41 -20.69 -16.43 2.11
C SER C 41 -20.27 -15.49 1.01
N LEU C 42 -20.68 -15.80 -0.20
CA LEU C 42 -20.35 -14.99 -1.39
C LEU C 42 -20.86 -13.55 -1.25
N GLU C 43 -22.02 -13.39 -0.63
CA GLU C 43 -22.58 -12.06 -0.41
C GLU C 43 -21.66 -11.26 0.48
N ILE C 44 -21.46 -11.75 1.70
CA ILE C 44 -20.53 -11.14 2.65
C ILE C 44 -19.18 -10.83 1.98
N ILE C 45 -18.43 -11.88 1.66
CA ILE C 45 -17.10 -11.73 1.07
C ILE C 45 -17.06 -10.72 -0.08
N SER C 46 -17.99 -10.84 -1.03
CA SER C 46 -18.04 -9.92 -2.16
C SER C 46 -18.22 -8.48 -1.70
N ARG C 47 -19.18 -8.27 -0.80
CA ARG C 47 -19.47 -6.92 -0.35
C ARG C 47 -18.26 -6.34 0.37
N TYR C 48 -17.64 -7.09 1.28
CA TYR C 48 -16.44 -6.62 1.93
C TYR C 48 -15.40 -6.26 0.90
N LEU C 49 -15.00 -7.22 0.10
CA LEU C 49 -14.04 -6.97 -0.96
C LEU C 49 -14.42 -5.76 -1.83
N ARG C 50 -15.72 -5.57 -2.04
CA ARG C 50 -16.18 -4.55 -2.97
C ARG C 50 -15.98 -3.19 -2.36
N GLU C 51 -16.28 -3.07 -1.06
CA GLU C 51 -16.07 -1.81 -0.36
C GLU C 51 -14.58 -1.52 -0.30
N GLN C 52 -13.82 -2.51 0.13
CA GLN C 52 -12.39 -2.33 0.27
C GLN C 52 -11.75 -1.78 -0.99
N ALA C 53 -12.25 -2.18 -2.14
CA ALA C 53 -11.65 -1.76 -3.41
C ALA C 53 -12.15 -0.39 -3.85
N THR C 54 -13.45 -0.14 -3.63
CA THR C 54 -14.09 1.10 -4.07
C THR C 54 -14.03 2.20 -2.99
N GLY C 55 -13.73 1.80 -1.76
CA GLY C 55 -13.67 2.74 -0.66
C GLY C 55 -15.05 3.10 -0.16
N THR C 68 -28.08 -11.74 9.95
CA THR C 68 -26.84 -12.30 10.48
C THR C 68 -25.63 -12.09 9.57
N SER C 69 -25.84 -12.07 8.26
CA SER C 69 -24.75 -11.79 7.32
C SER C 69 -24.33 -10.33 7.47
N ARG C 70 -25.24 -9.55 8.05
CA ARG C 70 -25.04 -8.12 8.28
C ARG C 70 -24.03 -7.89 9.40
N LYS C 71 -24.11 -8.70 10.44
CA LYS C 71 -23.16 -8.60 11.54
C LYS C 71 -21.82 -9.22 11.17
N ALA C 72 -21.87 -10.21 10.28
CA ALA C 72 -20.66 -10.89 9.82
C ALA C 72 -19.79 -9.90 9.05
N LEU C 73 -20.43 -8.93 8.40
CA LEU C 73 -19.70 -7.94 7.63
C LEU C 73 -19.11 -6.87 8.53
N GLU C 74 -19.91 -6.40 9.48
CA GLU C 74 -19.40 -5.48 10.48
C GLU C 74 -18.14 -6.09 11.08
N THR C 75 -18.21 -7.38 11.38
CA THR C 75 -17.12 -8.06 12.07
C THR C 75 -15.92 -8.11 11.14
N LEU C 76 -16.20 -8.35 9.86
CA LEU C 76 -15.19 -8.43 8.82
C LEU C 76 -14.44 -7.12 8.66
N ARG C 77 -15.19 -6.02 8.62
CA ARG C 77 -14.58 -4.72 8.53
C ARG C 77 -13.67 -4.50 9.72
N ARG C 78 -14.22 -4.75 10.90
CA ARG C 78 -13.50 -4.49 12.13
C ARG C 78 -12.21 -5.27 12.12
N VAL C 79 -12.32 -6.59 12.00
CA VAL C 79 -11.17 -7.46 12.12
C VAL C 79 -10.28 -7.46 10.88
N GLY C 80 -10.90 -7.57 9.71
CA GLY C 80 -10.18 -7.63 8.45
C GLY C 80 -9.28 -6.43 8.21
N ASP C 81 -9.81 -5.23 8.44
CA ASP C 81 -9.07 -3.98 8.31
C ASP C 81 -7.90 -3.97 9.30
N GLY C 82 -8.14 -4.52 10.48
CA GLY C 82 -7.08 -4.73 11.44
C GLY C 82 -5.93 -5.52 10.84
N VAL C 83 -6.18 -6.71 10.34
CA VAL C 83 -5.09 -7.52 9.81
C VAL C 83 -4.39 -6.88 8.60
N GLN C 84 -5.15 -6.16 7.77
CA GLN C 84 -4.55 -5.46 6.62
C GLN C 84 -3.66 -4.29 7.07
N ARG C 85 -4.11 -3.57 8.07
CA ARG C 85 -3.30 -2.51 8.64
C ARG C 85 -2.10 -3.12 9.32
N ASN C 86 -2.30 -4.20 10.06
CA ASN C 86 -1.23 -4.82 10.83
C ASN C 86 -0.19 -5.51 10.00
N HIS C 87 -0.58 -5.96 8.81
CA HIS C 87 0.33 -6.77 8.03
C HIS C 87 0.46 -6.23 6.61
N GLU C 88 0.17 -4.94 6.46
CA GLU C 88 0.19 -4.26 5.18
C GLU C 88 1.45 -4.59 4.43
N THR C 89 2.56 -4.67 5.17
CA THR C 89 3.85 -4.86 4.53
C THR C 89 4.04 -6.27 4.01
N ALA C 90 3.63 -7.24 4.82
CA ALA C 90 3.66 -8.65 4.42
C ALA C 90 2.71 -8.91 3.26
N PHE C 91 1.52 -8.32 3.32
CA PHE C 91 0.54 -8.47 2.26
C PHE C 91 1.09 -7.93 0.95
N GLN C 92 1.72 -6.77 1.04
CA GLN C 92 2.35 -6.15 -0.12
C GLN C 92 3.42 -7.05 -0.76
N GLY C 93 4.33 -7.60 0.05
CA GLY C 93 5.33 -8.50 -0.46
C GLY C 93 4.71 -9.75 -1.07
N MET C 94 3.75 -10.33 -0.38
CA MET C 94 3.05 -11.48 -0.91
C MET C 94 2.32 -11.13 -2.18
N LEU C 95 1.69 -9.95 -2.21
CA LEU C 95 0.95 -9.51 -3.38
C LEU C 95 1.84 -9.38 -4.62
N ARG C 96 3.04 -8.88 -4.40
CA ARG C 96 4.00 -8.76 -5.48
C ARG C 96 4.40 -10.15 -5.96
N LYS C 97 4.45 -11.11 -5.05
CA LYS C 97 4.85 -12.46 -5.41
C LYS C 97 3.74 -13.19 -6.14
N LEU C 98 2.51 -12.70 -6.02
CA LEU C 98 1.37 -13.36 -6.68
C LEU C 98 1.37 -13.18 -8.20
N ASP C 99 2.02 -12.13 -8.68
CA ASP C 99 2.14 -11.95 -10.12
C ASP C 99 0.75 -11.96 -10.71
N ILE C 100 -0.22 -11.60 -9.87
CA ILE C 100 -1.61 -11.58 -10.29
C ILE C 100 -1.76 -10.51 -11.38
N LYS C 101 -2.06 -10.94 -12.60
CA LYS C 101 -1.99 -10.04 -13.76
C LYS C 101 -3.30 -9.30 -14.09
N ASN C 102 -4.43 -9.87 -13.66
CA ASN C 102 -5.75 -9.26 -13.94
C ASN C 102 -6.84 -9.83 -13.04
N GLU C 103 -8.03 -9.26 -13.14
CA GLU C 103 -9.14 -9.64 -12.29
C GLU C 103 -9.47 -11.13 -12.33
N ASP C 104 -8.91 -11.84 -13.31
CA ASP C 104 -9.18 -13.26 -13.46
C ASP C 104 -7.95 -14.12 -13.22
N ASP C 105 -6.81 -13.50 -12.94
CA ASP C 105 -5.60 -14.28 -12.63
C ASP C 105 -5.64 -14.75 -11.17
N VAL C 106 -6.74 -15.40 -10.80
CA VAL C 106 -7.00 -15.76 -9.42
C VAL C 106 -6.56 -17.20 -9.10
N LYS C 107 -6.00 -17.88 -10.09
CA LYS C 107 -5.61 -19.28 -9.92
C LYS C 107 -4.38 -19.44 -9.02
N SER C 108 -3.48 -18.46 -9.06
CA SER C 108 -2.30 -18.49 -8.22
C SER C 108 -2.75 -18.32 -6.78
N LEU C 109 -3.64 -17.36 -6.55
CA LEU C 109 -4.21 -17.12 -5.23
C LEU C 109 -4.95 -18.33 -4.67
N SER C 110 -5.70 -19.01 -5.53
CA SER C 110 -6.51 -20.13 -5.07
C SER C 110 -5.62 -21.26 -4.62
N ARG C 111 -4.53 -21.45 -5.35
CA ARG C 111 -3.53 -22.41 -4.95
C ARG C 111 -3.09 -22.03 -3.56
N VAL C 112 -2.71 -20.76 -3.40
CA VAL C 112 -2.23 -20.29 -2.11
C VAL C 112 -3.25 -20.55 -1.02
N MET C 113 -4.45 -20.01 -1.18
CA MET C 113 -5.48 -20.16 -0.17
C MET C 113 -5.72 -21.62 0.17
N ILE C 114 -5.41 -22.52 -0.75
CA ILE C 114 -5.61 -23.94 -0.44
C ILE C 114 -4.51 -24.50 0.46
N HIS C 115 -3.26 -24.14 0.18
CA HIS C 115 -2.13 -24.66 0.95
C HIS C 115 -2.14 -24.18 2.41
N VAL C 116 -2.85 -23.08 2.68
CA VAL C 116 -3.02 -22.59 4.04
C VAL C 116 -3.59 -23.69 4.94
N PHE C 117 -4.64 -24.34 4.45
CA PHE C 117 -5.39 -25.31 5.21
C PHE C 117 -4.79 -26.69 5.09
N SER C 118 -3.64 -26.75 4.42
CA SER C 118 -2.97 -28.00 4.05
C SER C 118 -2.26 -28.68 5.21
N ASP C 119 -2.62 -28.31 6.44
CA ASP C 119 -2.07 -29.00 7.60
C ASP C 119 -3.17 -29.64 8.42
N GLY C 120 -4.42 -29.40 8.04
CA GLY C 120 -5.56 -30.04 8.67
C GLY C 120 -6.28 -29.11 9.62
N VAL C 121 -5.68 -27.95 9.84
CA VAL C 121 -6.25 -26.97 10.74
C VAL C 121 -7.11 -25.95 9.99
N THR C 122 -8.33 -25.76 10.48
CA THR C 122 -9.14 -24.64 10.09
C THR C 122 -9.44 -23.79 11.34
N ASN C 123 -9.29 -22.49 11.23
CA ASN C 123 -9.79 -21.62 12.26
C ASN C 123 -10.25 -20.33 11.64
N TRP C 124 -10.95 -19.50 12.40
CA TRP C 124 -11.49 -18.29 11.81
C TRP C 124 -10.37 -17.31 11.58
N GLY C 125 -9.30 -17.41 12.36
CA GLY C 125 -8.14 -16.56 12.14
C GLY C 125 -7.62 -16.69 10.72
N ARG C 126 -7.46 -17.92 10.26
CA ARG C 126 -7.00 -18.21 8.91
C ARG C 126 -8.01 -17.76 7.90
N ILE C 127 -9.25 -18.14 8.13
CA ILE C 127 -10.31 -17.80 7.22
C ILE C 127 -10.36 -16.28 7.05
N VAL C 128 -10.33 -15.55 8.16
CA VAL C 128 -10.45 -14.11 8.07
C VAL C 128 -9.19 -13.47 7.47
N THR C 129 -8.06 -14.14 7.67
CA THR C 129 -6.80 -13.67 7.09
C THR C 129 -6.81 -13.80 5.58
N LEU C 130 -7.42 -14.88 5.10
CA LEU C 130 -7.61 -15.11 3.69
C LEU C 130 -8.48 -14.07 3.03
N ILE C 131 -9.55 -13.68 3.71
CA ILE C 131 -10.46 -12.69 3.14
C ILE C 131 -9.83 -11.30 3.16
N SER C 132 -9.03 -11.02 4.19
CA SER C 132 -8.37 -9.72 4.27
C SER C 132 -7.32 -9.56 3.17
N PHE C 133 -6.62 -10.64 2.87
CA PHE C 133 -5.67 -10.61 1.78
C PHE C 133 -6.44 -10.43 0.46
N GLY C 134 -7.59 -11.08 0.37
CA GLY C 134 -8.49 -10.90 -0.75
C GLY C 134 -8.86 -9.43 -0.90
N ALA C 135 -9.21 -8.76 0.20
CA ALA C 135 -9.51 -7.33 0.15
C ALA C 135 -8.28 -6.55 -0.30
N PHE C 136 -7.13 -6.92 0.27
CA PHE C 136 -5.87 -6.24 -0.01
C PHE C 136 -5.54 -6.40 -1.49
N VAL C 137 -5.82 -7.59 -2.02
CA VAL C 137 -5.63 -7.84 -3.44
C VAL C 137 -6.65 -7.06 -4.30
N ALA C 138 -7.91 -7.04 -3.87
CA ALA C 138 -8.97 -6.31 -4.55
C ALA C 138 -8.62 -4.85 -4.69
N LYS C 139 -8.03 -4.26 -3.66
CA LYS C 139 -7.64 -2.86 -3.72
C LYS C 139 -6.53 -2.64 -4.75
N HIS C 140 -5.55 -3.54 -4.80
CA HIS C 140 -4.47 -3.38 -5.75
C HIS C 140 -4.98 -3.35 -7.19
N LEU C 141 -5.89 -4.28 -7.50
CA LEU C 141 -6.39 -4.41 -8.87
C LEU C 141 -6.99 -3.12 -9.42
N LYS C 142 -7.73 -2.38 -8.59
CA LYS C 142 -8.22 -1.05 -9.01
C LYS C 142 -7.09 -0.04 -9.28
N THR C 143 -6.02 -0.09 -8.48
CA THR C 143 -4.83 0.71 -8.75
C THR C 143 -4.40 0.45 -10.18
N ILE C 144 -4.59 -0.79 -10.61
CA ILE C 144 -4.13 -1.27 -11.90
C ILE C 144 -5.15 -1.05 -13.01
N ASN C 145 -6.42 -1.00 -12.64
CA ASN C 145 -7.49 -0.81 -13.60
C ASN C 145 -8.79 -0.49 -12.89
N GLN C 146 -9.16 0.78 -12.83
CA GLN C 146 -10.38 1.15 -12.12
C GLN C 146 -11.61 0.38 -12.62
N GLU C 147 -11.53 -0.21 -13.80
CA GLU C 147 -12.68 -0.94 -14.36
C GLU C 147 -12.86 -2.35 -13.77
N SER C 148 -11.76 -3.11 -13.68
CA SER C 148 -11.80 -4.49 -13.21
C SER C 148 -12.74 -4.78 -12.02
N CYS C 149 -13.28 -5.98 -11.96
CA CYS C 149 -14.22 -6.33 -10.90
C CYS C 149 -13.71 -7.36 -9.88
N ILE C 150 -14.39 -7.42 -8.74
CA ILE C 150 -14.01 -8.29 -7.63
C ILE C 150 -14.73 -9.64 -7.69
N GLU C 151 -15.68 -9.78 -8.59
CA GLU C 151 -16.46 -11.00 -8.62
C GLU C 151 -15.61 -12.27 -8.73
N PRO C 152 -14.77 -12.37 -9.76
CA PRO C 152 -13.89 -13.54 -9.85
C PRO C 152 -13.15 -13.83 -8.52
N LEU C 153 -12.68 -12.77 -7.87
CA LEU C 153 -11.89 -12.86 -6.65
C LEU C 153 -12.75 -13.31 -5.47
N ALA C 154 -13.90 -12.68 -5.29
CA ALA C 154 -14.83 -13.11 -4.26
C ALA C 154 -15.19 -14.58 -4.46
N GLU C 155 -15.54 -14.96 -5.68
CA GLU C 155 -15.89 -16.35 -6.01
C GLU C 155 -14.73 -17.30 -5.74
N SER C 156 -13.52 -16.88 -6.09
CA SER C 156 -12.33 -17.66 -5.81
C SER C 156 -12.27 -18.05 -4.34
N ILE C 157 -12.30 -17.03 -3.48
CA ILE C 157 -12.19 -17.17 -2.04
C ILE C 157 -13.32 -18.02 -1.45
N THR C 158 -14.55 -17.72 -1.85
CA THR C 158 -15.72 -18.45 -1.41
C THR C 158 -15.63 -19.91 -1.81
N ASP C 159 -15.15 -20.16 -3.01
CA ASP C 159 -15.01 -21.52 -3.52
C ASP C 159 -14.19 -22.34 -2.57
N VAL C 160 -13.05 -21.80 -2.18
CA VAL C 160 -12.13 -22.54 -1.32
C VAL C 160 -12.70 -22.74 0.06
N LEU C 161 -13.29 -21.68 0.63
CA LEU C 161 -13.83 -21.79 1.96
C LEU C 161 -15.01 -22.73 1.96
N VAL C 162 -16.03 -22.37 1.19
CA VAL C 162 -17.28 -23.11 1.23
C VAL C 162 -17.17 -24.53 0.69
N ARG C 163 -16.39 -24.73 -0.36
CA ARG C 163 -16.36 -26.05 -1.02
C ARG C 163 -15.34 -27.02 -0.45
N THR C 164 -14.32 -26.51 0.24
CA THR C 164 -13.34 -27.38 0.88
C THR C 164 -13.45 -27.38 2.40
N LYS C 165 -14.25 -26.45 2.94
CA LYS C 165 -14.37 -26.28 4.39
C LYS C 165 -15.82 -26.33 4.84
N ARG C 166 -16.69 -26.67 3.91
CA ARG C 166 -18.12 -26.84 4.18
C ARG C 166 -18.41 -27.47 5.54
N ASP C 167 -17.94 -28.69 5.75
CA ASP C 167 -18.26 -29.36 7.00
C ASP C 167 -17.79 -28.52 8.19
N TRP C 168 -16.54 -28.06 8.17
CA TRP C 168 -16.04 -27.26 9.29
C TRP C 168 -16.95 -26.07 9.50
N LEU C 169 -17.19 -25.35 8.42
CA LEU C 169 -18.03 -24.17 8.49
C LEU C 169 -19.35 -24.49 9.17
N VAL C 170 -19.97 -25.59 8.73
CA VAL C 170 -21.24 -26.07 9.28
C VAL C 170 -21.16 -26.41 10.77
N LYS C 171 -20.16 -27.20 11.15
CA LYS C 171 -19.93 -27.55 12.53
C LYS C 171 -20.00 -26.27 13.39
N GLN C 172 -19.51 -25.15 12.83
CA GLN C 172 -19.41 -23.90 13.59
C GLN C 172 -20.69 -23.07 13.56
N ARG C 173 -21.78 -23.65 13.12
CA ARG C 173 -23.02 -22.91 12.99
C ARG C 173 -22.85 -21.72 12.04
N GLY C 174 -21.89 -21.83 11.11
CA GLY C 174 -21.81 -20.90 10.00
C GLY C 174 -21.30 -19.51 10.32
N TRP C 175 -21.88 -18.49 9.70
CA TRP C 175 -21.45 -17.13 9.94
C TRP C 175 -21.93 -16.63 11.29
N ASP C 176 -22.84 -17.37 11.91
CA ASP C 176 -23.28 -17.06 13.28
C ASP C 176 -22.11 -17.31 14.24
N GLY C 177 -21.41 -18.42 14.03
CA GLY C 177 -20.25 -18.77 14.83
C GLY C 177 -19.11 -17.79 14.65
N PHE C 178 -18.85 -17.41 13.40
CA PHE C 178 -17.84 -16.41 13.09
C PHE C 178 -18.14 -15.10 13.81
N VAL C 179 -19.40 -14.66 13.77
CA VAL C 179 -19.81 -13.47 14.49
C VAL C 179 -19.60 -13.60 16.01
N GLU C 180 -20.06 -14.70 16.59
CA GLU C 180 -19.82 -14.98 18.02
C GLU C 180 -18.33 -15.05 18.38
N PHE C 181 -17.52 -15.65 17.50
CA PHE C 181 -16.09 -15.82 17.77
C PHE C 181 -15.34 -14.50 17.90
N PHE C 182 -15.84 -13.45 17.27
CA PHE C 182 -15.19 -12.15 17.31
C PHE C 182 -15.95 -11.09 18.12
N HIS C 183 -17.09 -11.46 18.69
CA HIS C 183 -17.89 -10.53 19.50
C HIS C 183 -17.00 -9.74 20.45
N VAL C 184 -17.38 -8.48 20.70
CA VAL C 184 -16.65 -7.60 21.62
C VAL C 184 -17.42 -7.40 22.92
N ALA D 7 6.45 -24.77 -5.46
CA ALA D 7 7.48 -23.74 -5.58
C ALA D 7 7.48 -22.81 -4.37
N SER D 8 7.19 -21.53 -4.60
CA SER D 8 7.12 -20.54 -3.53
C SER D 8 5.73 -20.40 -2.89
N THR D 9 4.78 -21.16 -3.41
CA THR D 9 3.42 -21.18 -2.88
C THR D 9 3.46 -21.55 -1.39
N LYS D 10 4.41 -22.40 -1.03
CA LYS D 10 4.59 -22.86 0.33
C LYS D 10 5.09 -21.72 1.22
N LYS D 11 5.74 -20.73 0.62
CA LYS D 11 6.26 -19.59 1.37
C LYS D 11 5.12 -18.63 1.71
N LEU D 12 4.20 -18.44 0.77
CA LEU D 12 3.10 -17.50 0.97
C LEU D 12 1.99 -18.05 1.85
N SER D 13 1.67 -19.32 1.70
CA SER D 13 0.63 -19.95 2.51
C SER D 13 1.10 -20.07 3.97
N GLU D 14 2.39 -20.37 4.15
CA GLU D 14 2.99 -20.39 5.47
C GLU D 14 2.88 -19.03 6.17
N CYS D 15 2.93 -17.95 5.39
CA CYS D 15 2.85 -16.58 5.92
C CYS D 15 1.43 -16.24 6.39
N LEU D 16 0.47 -16.53 5.54
CA LEU D 16 -0.92 -16.31 5.86
C LEU D 16 -1.39 -17.26 6.96
N LYS D 17 -0.82 -18.46 6.99
CA LYS D 17 -1.12 -19.45 8.01
C LYS D 17 -0.79 -18.87 9.37
N ARG D 18 0.42 -18.31 9.48
CA ARG D 18 0.89 -17.72 10.73
C ARG D 18 0.01 -16.57 11.21
N ILE D 19 -0.28 -15.63 10.34
CA ILE D 19 -1.11 -14.48 10.71
C ILE D 19 -2.47 -14.94 11.20
N GLY D 20 -3.04 -15.94 10.52
CA GLY D 20 -4.34 -16.46 10.88
C GLY D 20 -4.29 -17.06 12.26
N ASP D 21 -3.27 -17.87 12.51
CA ASP D 21 -3.11 -18.52 13.80
C ASP D 21 -2.82 -17.51 14.90
N GLU D 22 -1.90 -16.58 14.61
CA GLU D 22 -1.63 -15.42 15.47
C GLU D 22 -2.95 -14.76 15.90
N LEU D 23 -3.77 -14.41 14.90
CA LEU D 23 -5.05 -13.79 15.14
C LEU D 23 -5.98 -14.74 15.89
N ASP D 24 -5.92 -16.02 15.55
CA ASP D 24 -6.79 -16.98 16.20
C ASP D 24 -6.40 -17.12 17.66
N SER D 25 -5.10 -17.19 17.92
CA SER D 25 -4.57 -17.30 19.27
C SER D 25 -4.98 -16.13 20.16
N ASN D 26 -4.98 -14.94 19.57
CA ASN D 26 -5.41 -13.73 20.27
C ASN D 26 -6.90 -13.75 20.66
N MET D 27 -7.78 -14.13 19.73
CA MET D 27 -9.20 -14.25 20.06
C MET D 27 -9.50 -15.37 21.05
N GLU D 28 -8.96 -16.56 20.81
CA GLU D 28 -9.07 -17.68 21.74
C GLU D 28 -8.76 -17.25 23.18
N LEU D 29 -7.80 -16.34 23.34
CA LEU D 29 -7.44 -15.83 24.65
C LEU D 29 -8.49 -14.85 25.18
N GLN D 30 -8.86 -13.90 24.32
CA GLN D 30 -9.78 -12.86 24.72
C GLN D 30 -11.11 -13.47 25.03
N ARG D 31 -11.33 -14.68 24.52
CA ARG D 31 -12.57 -15.38 24.81
C ARG D 31 -12.51 -16.13 26.15
N MET D 32 -11.43 -16.87 26.41
CA MET D 32 -11.24 -17.57 27.69
C MET D 32 -11.37 -16.66 28.93
N ILE D 33 -11.56 -15.35 28.72
CA ILE D 33 -11.63 -14.42 29.83
C ILE D 33 -12.64 -13.29 29.60
CD CD E . -1.05 -1.78 -4.63
CD CD F . -0.01 2.12 4.47
CD CD G . 10.92 3.26 -11.90
CD CD H . -2.76 21.08 10.23
CD CD I . -3.52 20.86 5.88
CD CD J . -1.50 18.58 12.11
CD CD K . 1.50 17.95 15.15
CD CD L . -1.29 27.37 -0.03
CD CD M . 15.06 -0.96 -0.11
CD CD N . 16.17 -1.26 -3.54
CD CD O . -1.69 -9.71 13.43
CD CD P . 1.97 -29.17 -2.57
CD CD Q . -16.80 -9.11 -14.29
CD CD R . -18.43 -7.17 -12.40
CD CD S . -14.87 -7.14 -15.13
CD CD T . -13.27 -10.56 -16.38
CD CD U . 5.81 -14.06 7.50
CD CD V . 6.20 -14.08 3.58
#